data_8CKC
#
_entry.id   8CKC
#
_cell.length_a   65.736
_cell.length_b   65.736
_cell.length_c   263.110
_cell.angle_alpha   90.00
_cell.angle_beta   90.00
_cell.angle_gamma   120.00
#
_symmetry.space_group_name_H-M   'P 65 2 2'
#
loop_
_entity.id
_entity.type
_entity.pdbx_description
1 polymer 'Vitamin D3 receptor A'
2 polymer 'Nuclear receptor coactivator 1'
3 non-polymer 'ACETATE ION'
4 non-polymer (1R,3S,5Z)-5-[(2E)-2-[(1R,3aS,7aR)-1-[(2R)-6-azanyl-6-methyl-heptan-2-yl]-7a-methyl-2,3,3a,5,6,7-hexahydro-1H-inden-4-ylidene]ethylidene]-4-methylidene-cyclohexane-1,3-diol
5 water water
#
loop_
_entity_poly.entity_id
_entity_poly.type
_entity_poly.pdbx_seq_one_letter_code
_entity_poly.pdbx_strand_id
1 'polypeptide(L)'
;GSHMLSDEQMQIINSLVEAHHKTYDDSYSDFVRFRPPVREGPVTRSASRAASLHSLSDASSDSFNHSPESVDTKLNFSNL
LMMYQDSGSPDSSEEDQQSRLSMLPHLADLVSYSIQKVIGFAKMIPGFRDLTAEDQIALLKSSAIEIIMLRSNQSFSLED
MSWSCGGPDFKYCINDVTKAGHTLELLEPLVKFQVGLKKLKLHEEEHVLLMAICLLSPDRPGVQDHVRIEALQDRLCDVL
QAYIRIQHPGGRLLYAKMIQKLADLRSLNEEHSKQYRSLSFQPEHSMQLTPLVLEVFGSEVS
;
A
2 'polypeptide(L)' RHKILHRLLQEGSPS B
#
# COMPACT_ATOMS: atom_id res chain seq x y z
N MET A 4 14.86 21.68 -15.11
CA MET A 4 15.30 20.32 -14.76
C MET A 4 15.42 20.10 -13.25
N LEU A 5 15.54 18.84 -12.84
CA LEU A 5 15.63 18.42 -11.45
C LEU A 5 17.07 18.45 -10.95
N SER A 6 17.21 18.62 -9.63
CA SER A 6 18.52 18.64 -9.01
C SER A 6 19.01 17.23 -8.71
N ASP A 7 20.26 17.16 -8.25
CA ASP A 7 20.86 15.86 -7.92
C ASP A 7 20.22 15.24 -6.70
N GLU A 8 19.93 16.05 -5.67
CA GLU A 8 19.27 15.53 -4.49
C GLU A 8 17.93 14.92 -4.86
N GLN A 9 17.14 15.62 -5.66
CA GLN A 9 15.86 15.07 -6.09
C GLN A 9 16.05 13.84 -6.96
N MET A 10 17.10 13.85 -7.77
CA MET A 10 17.36 12.71 -8.65
C MET A 10 17.75 11.49 -7.83
N GLN A 11 18.57 11.68 -6.81
CA GLN A 11 18.94 10.57 -5.94
C GLN A 11 17.73 10.00 -5.22
N ILE A 12 16.76 10.86 -4.85
CA ILE A 12 15.56 10.39 -4.16
C ILE A 12 14.75 9.48 -5.08
N ILE A 13 14.58 9.89 -6.34
CA ILE A 13 13.83 9.07 -7.28
C ILE A 13 14.51 7.71 -7.45
N ASN A 14 15.83 7.73 -7.65
CA ASN A 14 16.60 6.50 -7.79
C ASN A 14 16.41 5.60 -6.57
N SER A 15 16.56 6.15 -5.37
CA SER A 15 16.41 5.35 -4.15
C SER A 15 15.03 4.74 -4.06
N LEU A 16 13.99 5.50 -4.41
CA LEU A 16 12.65 4.97 -4.31
C LEU A 16 12.39 3.88 -5.34
N VAL A 17 12.88 4.07 -6.57
CA VAL A 17 12.65 3.05 -7.59
C VAL A 17 13.34 1.76 -7.19
N GLU A 18 14.60 1.85 -6.79
CA GLU A 18 15.35 0.67 -6.38
C GLU A 18 14.67 -0.03 -5.22
N ALA A 19 14.28 0.74 -4.18
CA ALA A 19 13.54 0.16 -3.07
C ALA A 19 12.34 -0.62 -3.54
N HIS A 20 11.60 -0.07 -4.52
CA HIS A 20 10.42 -0.75 -4.99
C HIS A 20 10.79 -2.00 -5.79
N HIS A 21 11.82 -1.92 -6.64
CA HIS A 21 12.22 -3.13 -7.35
C HIS A 21 12.73 -4.19 -6.40
N LYS A 22 13.21 -3.78 -5.22
CA LYS A 22 13.71 -4.72 -4.24
C LYS A 22 12.59 -5.41 -3.45
N THR A 23 11.36 -4.93 -3.56
CA THR A 23 10.29 -5.37 -2.68
C THR A 23 9.02 -5.75 -3.44
N TYR A 24 9.03 -5.74 -4.78
CA TYR A 24 7.89 -6.17 -5.56
C TYR A 24 8.41 -7.14 -6.62
N ASP A 25 7.99 -8.41 -6.53
CA ASP A 25 8.47 -9.47 -7.41
C ASP A 25 7.42 -9.71 -8.50
N ASP A 26 7.71 -9.22 -9.70
CA ASP A 26 6.83 -9.39 -10.85
C ASP A 26 6.59 -10.84 -11.22
N SER A 27 7.41 -11.77 -10.73
CA SER A 27 7.20 -13.18 -11.04
C SER A 27 6.16 -13.82 -10.14
N TYR A 28 5.85 -13.20 -9.00
CA TYR A 28 4.84 -13.69 -8.06
C TYR A 28 5.10 -15.12 -7.62
N SER A 29 6.36 -15.57 -7.70
CA SER A 29 6.59 -16.98 -7.45
C SER A 29 6.40 -17.34 -5.99
N ASP A 30 6.51 -16.39 -5.08
CA ASP A 30 6.25 -16.67 -3.68
C ASP A 30 4.79 -17.04 -3.42
N PHE A 31 3.86 -16.74 -4.33
CA PHE A 31 2.46 -16.95 -3.99
C PHE A 31 2.15 -18.43 -3.75
N VAL A 32 2.95 -19.35 -4.27
CA VAL A 32 2.68 -20.76 -4.07
C VAL A 32 2.86 -21.18 -2.62
N ARG A 33 3.47 -20.33 -1.81
CA ARG A 33 3.70 -20.68 -0.42
C ARG A 33 2.53 -20.31 0.47
N PHE A 34 1.64 -19.49 -0.04
CA PHE A 34 0.46 -19.10 0.72
C PHE A 34 -0.48 -20.29 0.82
N ARG A 35 -1.31 -20.30 1.85
CA ARG A 35 -2.42 -21.24 1.85
C ARG A 35 -3.17 -21.08 0.54
N PRO A 36 -3.51 -22.17 -0.14
CA PRO A 36 -4.04 -22.04 -1.50
C PRO A 36 -5.40 -21.35 -1.50
N PRO A 37 -5.79 -20.76 -2.63
CA PRO A 37 -7.12 -20.15 -2.72
C PRO A 37 -8.19 -21.22 -2.91
N VAL A 38 -9.41 -20.91 -2.45
CA VAL A 38 -10.55 -21.82 -2.60
C VAL A 38 -11.75 -21.03 -3.08
N ARG A 39 -12.39 -21.51 -4.15
CA ARG A 39 -13.57 -20.86 -4.72
C ARG A 39 -14.70 -21.85 -4.95
N LEU A 101 -16.16 -18.66 4.00
CA LEU A 101 -15.13 -17.68 3.69
C LEU A 101 -13.87 -18.33 3.12
N SER A 102 -14.07 -19.03 2.00
CA SER A 102 -13.04 -19.92 1.48
C SER A 102 -11.78 -19.18 1.08
N MET A 103 -11.86 -17.90 0.72
CA MET A 103 -10.68 -17.19 0.24
C MET A 103 -9.91 -16.48 1.34
N LEU A 104 -10.48 -16.41 2.55
CA LEU A 104 -9.79 -15.75 3.67
C LEU A 104 -8.38 -16.29 3.93
N PRO A 105 -8.13 -17.61 4.00
CA PRO A 105 -6.75 -18.04 4.27
C PRO A 105 -5.76 -17.54 3.22
N HIS A 106 -6.09 -17.70 1.94
CA HIS A 106 -5.15 -17.29 0.91
C HIS A 106 -4.93 -15.77 0.90
N LEU A 107 -6.01 -14.98 1.03
CA LEU A 107 -5.83 -13.53 0.98
C LEU A 107 -5.18 -12.99 2.24
N ALA A 108 -5.40 -13.65 3.38
CA ALA A 108 -4.70 -13.27 4.60
C ALA A 108 -3.20 -13.44 4.41
N ASP A 109 -2.78 -14.58 3.86
CA ASP A 109 -1.37 -14.77 3.56
C ASP A 109 -0.88 -13.75 2.54
N LEU A 110 -1.65 -13.53 1.48
CA LEU A 110 -1.27 -12.52 0.48
C LEU A 110 -1.01 -11.18 1.14
N VAL A 111 -1.97 -10.72 1.95
CA VAL A 111 -1.80 -9.42 2.58
C VAL A 111 -0.64 -9.45 3.58
N SER A 112 -0.50 -10.56 4.30
CA SER A 112 0.58 -10.66 5.27
C SER A 112 1.92 -10.52 4.56
N TYR A 113 2.10 -11.27 3.49
CA TYR A 113 3.31 -11.13 2.71
C TYR A 113 3.47 -9.69 2.19
N SER A 114 2.36 -9.05 1.77
CA SER A 114 2.48 -7.70 1.21
C SER A 114 2.91 -6.69 2.28
N ILE A 115 2.47 -6.88 3.52
CA ILE A 115 2.86 -5.96 4.59
C ILE A 115 4.36 -6.03 4.84
N GLN A 116 4.94 -7.23 4.79
CA GLN A 116 6.39 -7.33 4.96
C GLN A 116 7.11 -6.57 3.87
N LYS A 117 6.59 -6.65 2.68
CA LYS A 117 7.15 -5.95 1.56
C LYS A 117 7.06 -4.43 1.77
N VAL A 118 5.96 -3.95 2.29
CA VAL A 118 5.81 -2.52 2.48
C VAL A 118 6.78 -2.01 3.53
N ILE A 119 6.96 -2.79 4.61
CA ILE A 119 7.97 -2.47 5.63
C ILE A 119 9.35 -2.40 4.99
N GLY A 120 9.68 -3.38 4.16
CA GLY A 120 10.96 -3.32 3.47
C GLY A 120 11.08 -2.09 2.59
N PHE A 121 9.99 -1.70 1.93
CA PHE A 121 10.02 -0.49 1.10
C PHE A 121 10.21 0.75 1.96
N ALA A 122 9.44 0.85 3.04
CA ALA A 122 9.52 2.00 3.93
C ALA A 122 10.92 2.20 4.47
N LYS A 123 11.58 1.12 4.89
CA LYS A 123 12.91 1.23 5.49
C LYS A 123 13.93 1.82 4.53
N MET A 124 13.67 1.79 3.23
CA MET A 124 14.59 2.36 2.25
C MET A 124 14.15 3.72 1.75
N ILE A 125 13.10 4.30 2.32
CA ILE A 125 12.75 5.67 1.99
C ILE A 125 13.73 6.60 2.69
N PRO A 126 14.36 7.55 1.97
CA PRO A 126 15.23 8.52 2.65
C PRO A 126 14.56 9.15 3.86
N GLY A 127 15.14 8.93 5.04
CA GLY A 127 14.70 9.60 6.24
C GLY A 127 13.70 8.83 7.07
N PHE A 128 12.98 7.88 6.47
CA PHE A 128 12.06 7.07 7.25
C PHE A 128 12.80 6.31 8.35
N ARG A 129 13.97 5.74 8.03
CA ARG A 129 14.75 5.04 9.06
C ARG A 129 15.13 5.96 10.19
N ASP A 130 15.28 7.25 9.91
CA ASP A 130 15.72 8.17 10.95
C ASP A 130 14.59 8.65 11.86
N LEU A 131 13.36 8.26 11.58
CA LEU A 131 12.27 8.50 12.53
C LEU A 131 12.43 7.59 13.75
N THR A 132 11.75 7.98 14.84
CA THR A 132 11.62 7.09 15.97
C THR A 132 10.87 5.81 15.57
N ALA A 133 11.11 4.74 16.34
CA ALA A 133 10.42 3.48 16.03
C ALA A 133 8.92 3.62 16.21
N GLU A 134 8.49 4.52 17.11
CA GLU A 134 7.07 4.76 17.31
C GLU A 134 6.46 5.42 16.09
N ASP A 135 7.12 6.48 15.58
CA ASP A 135 6.65 7.11 14.36
C ASP A 135 6.63 6.13 13.19
N GLN A 136 7.65 5.27 13.09
CA GLN A 136 7.64 4.30 12.00
C GLN A 136 6.47 3.35 12.14
N ILE A 137 6.19 2.92 13.35
CA ILE A 137 5.05 2.04 13.58
C ILE A 137 3.75 2.79 13.32
N ALA A 138 3.64 3.99 13.88
CA ALA A 138 2.50 4.86 13.63
C ALA A 138 2.19 4.96 12.14
N LEU A 139 3.18 5.39 11.36
CA LEU A 139 2.97 5.56 9.92
C LEU A 139 2.54 4.24 9.28
N LEU A 140 3.19 3.15 9.66
CA LEU A 140 2.95 1.88 8.97
C LEU A 140 1.57 1.33 9.30
N LYS A 141 1.13 1.47 10.56
CA LYS A 141 -0.17 0.95 10.92
C LYS A 141 -1.29 1.70 10.20
N SER A 142 -1.18 3.04 10.11
CA SER A 142 -2.22 3.81 9.43
C SER A 142 -2.20 3.56 7.92
N SER A 143 -1.02 3.40 7.33
CA SER A 143 -0.93 3.50 5.88
C SER A 143 -0.77 2.17 5.18
N ALA A 144 -0.52 1.06 5.91
CA ALA A 144 -0.19 -0.20 5.24
C ALA A 144 -1.28 -0.59 4.25
N ILE A 145 -2.54 -0.53 4.67
CA ILE A 145 -3.57 -0.99 3.75
C ILE A 145 -3.65 -0.08 2.54
N GLU A 146 -3.29 1.20 2.70
CA GLU A 146 -3.28 2.12 1.55
C GLU A 146 -2.16 1.78 0.56
N ILE A 147 -0.95 1.51 1.07
CA ILE A 147 0.16 1.18 0.16
C ILE A 147 -0.14 -0.11 -0.57
N ILE A 148 -0.77 -1.07 0.11
CA ILE A 148 -1.15 -2.32 -0.52
C ILE A 148 -2.12 -2.06 -1.68
N MET A 149 -3.11 -1.20 -1.45
CA MET A 149 -4.05 -0.83 -2.50
C MET A 149 -3.31 -0.14 -3.66
N LEU A 150 -2.38 0.76 -3.34
CA LEU A 150 -1.60 1.41 -4.40
C LEU A 150 -0.74 0.39 -5.14
N ARG A 151 0.08 -0.36 -4.40
CA ARG A 151 1.06 -1.23 -5.05
C ARG A 151 0.36 -2.32 -5.87
N SER A 152 -0.81 -2.75 -5.43
CA SER A 152 -1.58 -3.75 -6.16
C SER A 152 -2.01 -3.27 -7.54
N ASN A 153 -2.01 -1.95 -7.78
CA ASN A 153 -2.41 -1.48 -9.10
C ASN A 153 -1.53 -2.10 -10.18
N GLN A 154 -0.30 -2.47 -9.82
CA GLN A 154 0.64 -3.05 -10.77
C GLN A 154 0.20 -4.43 -11.26
N SER A 155 -0.59 -5.17 -10.49
CA SER A 155 -1.14 -6.43 -10.99
C SER A 155 -2.53 -6.28 -11.58
N PHE A 156 -3.15 -5.11 -11.41
CA PHE A 156 -4.51 -4.90 -11.85
C PHE A 156 -4.58 -4.76 -13.36
N SER A 157 -5.59 -5.39 -13.95
CA SER A 157 -5.78 -5.36 -15.40
C SER A 157 -7.13 -4.74 -15.71
N LEU A 158 -7.14 -3.76 -16.61
CA LEU A 158 -8.39 -3.18 -17.05
C LEU A 158 -9.24 -4.17 -17.82
N GLU A 159 -8.59 -5.05 -18.59
CA GLU A 159 -9.33 -6.02 -19.41
C GLU A 159 -10.16 -6.93 -18.51
N ASP A 160 -9.50 -7.61 -17.57
CA ASP A 160 -10.20 -8.59 -16.73
C ASP A 160 -10.90 -7.95 -15.54
N MET A 161 -10.59 -6.69 -15.21
CA MET A 161 -11.08 -6.04 -14.00
C MET A 161 -10.71 -6.83 -12.76
N SER A 162 -9.56 -7.47 -12.80
CA SER A 162 -9.10 -8.30 -11.70
C SER A 162 -7.64 -7.98 -11.44
N TRP A 163 -7.11 -8.57 -10.37
CA TRP A 163 -5.70 -8.54 -10.12
C TRP A 163 -5.14 -9.87 -10.61
N SER A 164 -4.21 -9.82 -11.55
CA SER A 164 -3.67 -11.02 -12.17
C SER A 164 -2.21 -11.19 -11.77
N CYS A 165 -1.95 -12.15 -10.89
CA CYS A 165 -0.60 -12.36 -10.37
C CYS A 165 0.02 -13.62 -10.96
N GLY A 166 0.24 -13.59 -12.28
CA GLY A 166 1.04 -14.61 -12.94
C GLY A 166 0.48 -16.02 -12.94
N GLY A 167 -0.85 -16.15 -13.02
CA GLY A 167 -1.46 -17.45 -13.11
C GLY A 167 -2.94 -17.43 -12.78
N PRO A 168 -3.72 -18.28 -13.39
CA PRO A 168 -5.13 -18.27 -13.05
C PRO A 168 -5.40 -18.65 -11.57
N ASP A 169 -4.53 -19.40 -10.93
CA ASP A 169 -4.75 -19.64 -9.51
C ASP A 169 -4.76 -18.34 -8.72
N PHE A 170 -3.87 -17.42 -9.09
CA PHE A 170 -3.70 -16.14 -8.40
C PHE A 170 -4.27 -14.97 -9.22
N LYS A 171 -5.34 -15.24 -9.97
CA LYS A 171 -6.16 -14.16 -10.53
C LYS A 171 -7.31 -13.91 -9.56
N TYR A 172 -7.30 -12.73 -8.92
CA TYR A 172 -8.32 -12.34 -7.95
C TYR A 172 -9.33 -11.41 -8.61
N CYS A 173 -10.51 -11.96 -8.89
N CYS A 173 -10.51 -11.95 -8.88
CA CYS A 173 -11.69 -11.17 -9.23
CA CYS A 173 -11.62 -11.09 -9.25
C CYS A 173 -12.27 -10.56 -7.96
C CYS A 173 -12.33 -10.63 -7.98
N ILE A 174 -13.29 -9.72 -8.15
CA ILE A 174 -13.96 -9.13 -7.00
C ILE A 174 -14.67 -10.20 -6.18
N ASN A 175 -15.24 -11.20 -6.85
CA ASN A 175 -16.00 -12.20 -6.14
C ASN A 175 -15.12 -13.06 -5.24
N ASP A 176 -13.87 -13.31 -5.65
CA ASP A 176 -12.89 -13.89 -4.74
C ASP A 176 -12.84 -13.10 -3.43
N VAL A 177 -12.82 -11.77 -3.53
CA VAL A 177 -12.68 -10.96 -2.30
C VAL A 177 -13.96 -10.99 -1.49
N THR A 178 -15.11 -11.22 -2.14
CA THR A 178 -16.32 -11.43 -1.38
C THR A 178 -16.19 -12.64 -0.45
N LYS A 179 -15.53 -13.71 -0.91
CA LYS A 179 -15.35 -14.91 -0.11
C LYS A 179 -14.22 -14.80 0.91
N ALA A 180 -13.69 -13.59 1.14
CA ALA A 180 -12.84 -13.32 2.28
C ALA A 180 -13.53 -12.42 3.30
N GLY A 181 -14.84 -12.22 3.16
CA GLY A 181 -15.60 -11.47 4.14
C GLY A 181 -15.82 -10.00 3.86
N HIS A 182 -15.58 -9.53 2.64
CA HIS A 182 -15.82 -8.13 2.36
C HIS A 182 -17.07 -7.97 1.52
N THR A 183 -17.66 -6.77 1.62
CA THR A 183 -18.87 -6.43 0.88
C THR A 183 -18.55 -5.42 -0.21
N LEU A 184 -19.54 -5.20 -1.08
CA LEU A 184 -19.37 -4.26 -2.18
C LEU A 184 -19.17 -2.85 -1.69
N GLU A 185 -19.57 -2.54 -0.45
CA GLU A 185 -19.31 -1.22 0.07
C GLU A 185 -17.82 -0.91 0.09
N LEU A 186 -16.97 -1.94 0.15
CA LEU A 186 -15.55 -1.75 -0.05
C LEU A 186 -15.10 -2.09 -1.47
N LEU A 187 -15.58 -3.20 -2.04
CA LEU A 187 -15.03 -3.66 -3.29
C LEU A 187 -15.42 -2.76 -4.45
N GLU A 188 -16.63 -2.20 -4.42
CA GLU A 188 -17.02 -1.24 -5.46
C GLU A 188 -16.05 -0.07 -5.51
N PRO A 189 -15.89 0.75 -4.46
CA PRO A 189 -14.93 1.86 -4.56
C PRO A 189 -13.50 1.40 -4.80
N LEU A 190 -13.11 0.25 -4.25
CA LEU A 190 -11.77 -0.26 -4.49
C LEU A 190 -11.50 -0.43 -5.99
N VAL A 191 -12.43 -1.07 -6.69
CA VAL A 191 -12.18 -1.40 -8.09
C VAL A 191 -12.28 -0.15 -8.95
N LYS A 192 -13.18 0.76 -8.62
CA LYS A 192 -13.20 2.03 -9.33
C LYS A 192 -11.92 2.80 -9.09
N PHE A 193 -11.39 2.72 -7.86
CA PHE A 193 -10.09 3.34 -7.58
C PHE A 193 -9.00 2.75 -8.47
N GLN A 194 -8.91 1.43 -8.53
CA GLN A 194 -7.90 0.80 -9.38
C GLN A 194 -8.07 1.21 -10.84
N VAL A 195 -9.32 1.26 -11.31
CA VAL A 195 -9.55 1.67 -12.69
C VAL A 195 -9.02 3.08 -12.93
N GLY A 196 -9.39 4.02 -12.06
CA GLY A 196 -8.97 5.40 -12.27
C GLY A 196 -7.47 5.56 -12.16
N LEU A 197 -6.86 4.92 -11.17
CA LEU A 197 -5.41 4.96 -11.02
C LEU A 197 -4.72 4.32 -12.21
N LYS A 198 -5.28 3.22 -12.73
CA LYS A 198 -4.68 2.59 -13.90
C LYS A 198 -4.73 3.51 -15.11
N LYS A 199 -5.81 4.32 -15.21
CA LYS A 199 -5.97 5.22 -16.36
C LYS A 199 -4.96 6.35 -16.31
N LEU A 200 -4.53 6.77 -15.13
CA LEU A 200 -3.49 7.80 -15.05
C LEU A 200 -2.21 7.38 -15.74
N LYS A 201 -1.99 6.08 -16.00
CA LYS A 201 -0.83 5.62 -16.77
C LYS A 201 0.48 6.14 -16.16
N LEU A 202 0.57 6.04 -14.83
CA LEU A 202 1.68 6.61 -14.09
C LEU A 202 3.01 6.02 -14.53
N HIS A 203 4.04 6.86 -14.58
CA HIS A 203 5.40 6.38 -14.72
C HIS A 203 5.80 5.64 -13.45
N GLU A 204 6.70 4.67 -13.59
CA GLU A 204 7.21 3.93 -12.43
C GLU A 204 7.67 4.91 -11.33
N GLU A 205 8.41 5.95 -11.73
CA GLU A 205 8.84 7.00 -10.82
C GLU A 205 7.66 7.63 -10.08
N GLU A 206 6.60 7.96 -10.81
CA GLU A 206 5.45 8.59 -10.19
C GLU A 206 4.73 7.62 -9.26
N HIS A 207 4.59 6.38 -9.70
CA HIS A 207 4.00 5.34 -8.86
C HIS A 207 4.74 5.21 -7.52
N VAL A 208 6.07 5.13 -7.55
CA VAL A 208 6.75 4.90 -6.28
C VAL A 208 6.74 6.17 -5.44
N LEU A 209 6.77 7.35 -6.08
CA LEU A 209 6.70 8.59 -5.33
C LEU A 209 5.39 8.69 -4.56
N LEU A 210 4.31 8.23 -5.17
CA LEU A 210 3.01 8.34 -4.53
C LEU A 210 2.95 7.42 -3.30
N MET A 211 3.51 6.22 -3.39
CA MET A 211 3.53 5.33 -2.22
C MET A 211 4.34 5.94 -1.08
N ALA A 212 5.50 6.53 -1.38
CA ALA A 212 6.30 7.17 -0.35
C ALA A 212 5.57 8.37 0.25
N ILE A 213 4.89 9.15 -0.60
CA ILE A 213 4.14 10.29 -0.10
C ILE A 213 3.01 9.83 0.79
N CYS A 214 2.30 8.78 0.37
CA CYS A 214 1.22 8.23 1.17
C CYS A 214 1.74 7.73 2.51
N LEU A 215 2.85 6.99 2.49
CA LEU A 215 3.46 6.49 3.73
C LEU A 215 3.86 7.61 4.67
N LEU A 216 4.43 8.69 4.12
CA LEU A 216 4.99 9.76 4.93
C LEU A 216 3.98 10.86 5.21
N SER A 217 2.71 10.53 5.30
CA SER A 217 1.70 11.53 5.62
C SER A 217 1.76 11.84 7.10
N PRO A 218 2.03 13.07 7.51
CA PRO A 218 2.00 13.39 8.95
C PRO A 218 0.63 13.32 9.57
N ASP A 219 -0.44 13.29 8.77
CA ASP A 219 -1.78 13.44 9.34
C ASP A 219 -2.36 12.05 9.61
N ARG A 220 -1.70 11.36 10.52
CA ARG A 220 -2.09 10.02 10.92
C ARG A 220 -2.22 9.98 12.44
N PRO A 221 -3.15 9.19 12.96
CA PRO A 221 -3.23 9.03 14.40
C PRO A 221 -1.97 8.36 14.94
N GLY A 222 -1.37 8.94 15.97
CA GLY A 222 -0.23 8.36 16.63
C GLY A 222 1.11 9.03 16.34
N VAL A 223 1.21 9.79 15.25
N VAL A 223 1.18 9.82 15.29
CA VAL A 223 2.48 10.37 14.88
CA VAL A 223 2.45 10.41 14.88
C VAL A 223 2.94 11.37 15.93
C VAL A 223 2.94 11.41 15.91
N GLN A 224 4.22 11.31 16.27
CA GLN A 224 4.82 12.21 17.25
C GLN A 224 5.46 13.42 16.56
N ASP A 225 6.49 13.18 15.74
CA ASP A 225 7.26 14.27 15.13
C ASP A 225 6.55 14.74 13.86
N HIS A 226 5.43 15.42 14.07
CA HIS A 226 4.64 15.92 12.95
C HIS A 226 5.49 16.79 12.02
N VAL A 227 6.34 17.64 12.59
CA VAL A 227 7.12 18.58 11.79
C VAL A 227 8.09 17.83 10.88
N ARG A 228 8.79 16.83 11.44
CA ARG A 228 9.83 16.17 10.65
C ARG A 228 9.23 15.42 9.47
N ILE A 229 8.15 14.69 9.71
CA ILE A 229 7.56 13.88 8.66
C ILE A 229 6.93 14.77 7.59
N GLU A 230 6.26 15.85 7.99
CA GLU A 230 5.71 16.78 7.00
C GLU A 230 6.82 17.34 6.12
N ALA A 231 8.00 17.61 6.69
CA ALA A 231 9.13 18.03 5.88
C ALA A 231 9.50 16.95 4.88
N LEU A 232 9.58 15.69 5.32
CA LEU A 232 9.90 14.61 4.39
C LEU A 232 8.89 14.56 3.27
N GLN A 233 7.60 14.55 3.61
CA GLN A 233 6.57 14.45 2.58
C GLN A 233 6.57 15.68 1.68
N ASP A 234 6.93 16.85 2.23
CA ASP A 234 7.11 18.04 1.40
C ASP A 234 8.17 17.81 0.33
N ARG A 235 9.33 17.28 0.73
CA ARG A 235 10.40 17.02 -0.22
C ARG A 235 9.92 16.14 -1.36
N LEU A 236 9.21 15.05 -1.03
CA LEU A 236 8.75 14.11 -2.05
C LEU A 236 7.71 14.75 -2.97
N CYS A 237 6.80 15.55 -2.42
CA CYS A 237 5.82 16.23 -3.25
C CYS A 237 6.49 17.17 -4.24
N ASP A 238 7.52 17.89 -3.78
CA ASP A 238 8.31 18.75 -4.68
C ASP A 238 8.94 17.93 -5.79
N VAL A 239 9.54 16.78 -5.43
CA VAL A 239 10.14 15.91 -6.43
C VAL A 239 9.10 15.48 -7.45
N LEU A 240 7.97 14.95 -6.97
CA LEU A 240 6.92 14.49 -7.87
C LEU A 240 6.48 15.62 -8.80
N GLN A 241 6.19 16.78 -8.23
CA GLN A 241 5.67 17.88 -9.02
C GLN A 241 6.67 18.32 -10.09
N ALA A 242 7.94 18.42 -9.71
CA ALA A 242 8.98 18.72 -10.69
C ALA A 242 9.08 17.61 -11.73
N TYR A 243 9.05 16.34 -11.29
CA TYR A 243 9.14 15.24 -12.24
C TYR A 243 8.00 15.29 -13.25
N ILE A 244 6.78 15.56 -12.78
CA ILE A 244 5.66 15.55 -13.71
C ILE A 244 5.80 16.69 -14.73
N ARG A 245 6.44 17.80 -14.35
CA ARG A 245 6.56 18.93 -15.28
C ARG A 245 7.54 18.64 -16.41
N ILE A 246 8.69 18.07 -16.06
CA ILE A 246 9.82 17.95 -16.98
C ILE A 246 9.77 16.69 -17.83
N GLN A 247 9.40 15.54 -17.23
CA GLN A 247 9.51 14.22 -17.87
C GLN A 247 8.19 13.64 -18.37
N HIS A 248 7.02 14.17 -17.98
CA HIS A 248 5.73 13.57 -18.34
C HIS A 248 4.97 14.45 -19.32
N PRO A 249 5.08 14.20 -20.62
CA PRO A 249 4.38 15.06 -21.60
C PRO A 249 2.87 15.04 -21.39
N GLY A 250 2.26 16.22 -21.37
CA GLY A 250 0.85 16.35 -21.05
C GLY A 250 0.51 16.10 -19.59
N GLY A 251 1.44 16.36 -18.67
CA GLY A 251 1.22 16.08 -17.26
C GLY A 251 0.68 17.24 -16.45
N ARG A 252 0.19 18.26 -17.14
CA ARG A 252 -0.21 19.51 -16.50
C ARG A 252 -1.18 19.31 -15.34
N LEU A 253 -2.10 18.35 -15.46
CA LEU A 253 -3.10 18.10 -14.44
C LEU A 253 -2.82 16.82 -13.65
N LEU A 254 -1.65 16.23 -13.80
CA LEU A 254 -1.43 14.91 -13.21
C LEU A 254 -1.25 15.01 -11.70
N TYR A 255 -0.50 16.00 -11.22
CA TYR A 255 -0.21 16.08 -9.78
C TYR A 255 -1.50 16.16 -8.98
N ALA A 256 -2.41 17.05 -9.38
CA ALA A 256 -3.69 17.17 -8.70
C ALA A 256 -4.47 15.86 -8.75
N LYS A 257 -4.39 15.14 -9.87
CA LYS A 257 -5.08 13.86 -9.98
C LYS A 257 -4.52 12.88 -8.96
N MET A 258 -3.20 12.91 -8.78
CA MET A 258 -2.57 11.95 -7.87
C MET A 258 -2.91 12.28 -6.43
N ILE A 259 -2.91 13.58 -6.10
CA ILE A 259 -3.27 14.01 -4.76
C ILE A 259 -4.71 13.62 -4.44
N GLN A 260 -5.59 13.63 -5.44
CA GLN A 260 -6.97 13.21 -5.19
C GLN A 260 -7.04 11.72 -4.87
N LYS A 261 -6.23 10.90 -5.56
CA LYS A 261 -6.21 9.48 -5.23
C LYS A 261 -5.76 9.25 -3.80
N LEU A 262 -4.85 10.08 -3.28
CA LEU A 262 -4.51 9.98 -1.87
C LEU A 262 -5.75 10.15 -0.99
N ALA A 263 -6.59 11.14 -1.31
CA ALA A 263 -7.84 11.33 -0.59
C ALA A 263 -8.76 10.13 -0.74
N ASP A 264 -8.81 9.55 -1.95
CA ASP A 264 -9.62 8.35 -2.15
C ASP A 264 -9.16 7.22 -1.25
N LEU A 265 -7.85 7.10 -1.07
CA LEU A 265 -7.31 6.05 -0.22
C LEU A 265 -7.74 6.21 1.23
N ARG A 266 -7.89 7.44 1.71
CA ARG A 266 -8.35 7.64 3.07
C ARG A 266 -9.73 7.01 3.27
N SER A 267 -10.63 7.19 2.29
CA SER A 267 -11.96 6.64 2.45
C SER A 267 -11.95 5.13 2.30
N LEU A 268 -11.11 4.59 1.41
CA LEU A 268 -10.97 3.14 1.33
C LEU A 268 -10.37 2.58 2.61
N ASN A 269 -9.42 3.29 3.20
CA ASN A 269 -8.86 2.86 4.48
C ASN A 269 -9.98 2.76 5.51
N GLU A 270 -10.81 3.80 5.59
CA GLU A 270 -11.89 3.84 6.55
C GLU A 270 -12.85 2.66 6.37
N GLU A 271 -13.31 2.45 5.13
CA GLU A 271 -14.24 1.34 4.89
C GLU A 271 -13.58 0.01 5.19
N HIS A 272 -12.28 -0.13 4.89
CA HIS A 272 -11.60 -1.38 5.20
C HIS A 272 -11.49 -1.61 6.70
N SER A 273 -11.10 -0.59 7.47
CA SER A 273 -11.02 -0.74 8.92
C SER A 273 -12.36 -1.20 9.48
N LYS A 274 -13.45 -0.65 8.97
CA LYS A 274 -14.79 -1.09 9.34
C LYS A 274 -14.93 -2.60 9.15
N GLN A 275 -14.69 -3.08 7.93
CA GLN A 275 -14.95 -4.49 7.66
C GLN A 275 -13.94 -5.39 8.36
N TYR A 276 -12.71 -4.90 8.58
CA TYR A 276 -11.77 -5.67 9.36
C TYR A 276 -12.23 -5.82 10.81
N ARG A 277 -12.84 -4.77 11.36
CA ARG A 277 -13.37 -4.86 12.73
C ARG A 277 -14.37 -6.00 12.83
N SER A 278 -15.31 -6.09 11.88
CA SER A 278 -16.34 -7.12 11.97
C SER A 278 -15.73 -8.52 11.92
N LEU A 279 -14.76 -8.74 11.03
CA LEU A 279 -14.13 -10.03 10.94
C LEU A 279 -13.36 -10.35 12.21
N SER A 280 -12.47 -9.44 12.62
CA SER A 280 -11.63 -9.70 13.77
C SER A 280 -12.42 -9.85 15.06
N PHE A 281 -13.68 -9.44 15.09
CA PHE A 281 -14.49 -9.67 16.27
C PHE A 281 -15.11 -11.06 16.30
N GLN A 282 -14.91 -11.86 15.26
CA GLN A 282 -15.37 -13.23 15.27
C GLN A 282 -14.15 -14.14 15.31
N PRO A 283 -13.84 -14.75 16.44
CA PRO A 283 -12.60 -15.53 16.52
C PRO A 283 -12.50 -16.63 15.48
N GLU A 284 -13.61 -17.25 15.09
CA GLU A 284 -13.49 -18.32 14.10
C GLU A 284 -12.95 -17.82 12.78
N HIS A 285 -13.10 -16.52 12.49
CA HIS A 285 -12.51 -15.88 11.32
C HIS A 285 -11.15 -15.27 11.62
N SER A 286 -11.06 -14.48 12.70
CA SER A 286 -9.77 -13.86 12.99
C SER A 286 -8.69 -14.91 13.20
N MET A 287 -9.06 -16.12 13.62
CA MET A 287 -8.05 -17.15 13.80
C MET A 287 -7.40 -17.54 12.48
N GLN A 288 -8.03 -17.22 11.34
CA GLN A 288 -7.41 -17.51 10.05
C GLN A 288 -6.42 -16.43 9.59
N LEU A 289 -6.33 -15.32 10.32
CA LEU A 289 -5.42 -14.26 9.95
C LEU A 289 -3.99 -14.61 10.35
N THR A 290 -3.04 -13.80 9.96
CA THR A 290 -1.69 -14.10 10.41
C THR A 290 -1.34 -13.22 11.60
N PRO A 291 -0.31 -13.58 12.36
CA PRO A 291 0.11 -12.69 13.45
C PRO A 291 0.50 -11.29 12.98
N LEU A 292 1.17 -11.16 11.83
CA LEU A 292 1.56 -9.84 11.38
C LEU A 292 0.33 -9.00 11.00
N VAL A 293 -0.64 -9.61 10.30
CA VAL A 293 -1.88 -8.92 10.00
C VAL A 293 -2.55 -8.43 11.28
N LEU A 294 -2.63 -9.31 12.29
CA LEU A 294 -3.30 -8.89 13.53
C LEU A 294 -2.57 -7.74 14.19
N GLU A 295 -1.24 -7.73 14.11
CA GLU A 295 -0.49 -6.66 14.73
C GLU A 295 -0.70 -5.34 13.99
N VAL A 296 -0.59 -5.37 12.65
CA VAL A 296 -0.61 -4.14 11.87
C VAL A 296 -2.02 -3.59 11.77
N PHE A 297 -2.98 -4.44 11.42
CA PHE A 297 -4.35 -3.93 11.34
C PHE A 297 -5.01 -3.79 12.70
N GLY A 298 -4.39 -4.27 13.79
CA GLY A 298 -4.97 -4.17 15.11
C GLY A 298 -4.92 -2.75 15.65
N SER A 299 -5.49 -2.55 16.84
CA SER A 299 -5.71 -1.22 17.38
C SER A 299 -4.76 -0.84 18.50
N GLU A 300 -3.76 -1.67 18.84
CA GLU A 300 -2.84 -1.32 19.91
C GLU A 300 -2.09 -0.03 19.59
N VAL A 301 -1.70 0.70 20.63
CA VAL A 301 -0.81 1.84 20.47
C VAL A 301 0.51 1.60 21.20
N ARG B 1 4.42 -5.32 22.97
CA ARG B 1 3.52 -4.70 21.99
C ARG B 1 4.25 -4.40 20.69
N HIS B 2 3.57 -4.64 19.56
CA HIS B 2 4.16 -4.51 18.24
C HIS B 2 5.46 -5.31 18.13
N LYS B 3 5.43 -6.51 18.71
CA LYS B 3 6.57 -7.41 18.76
C LYS B 3 7.17 -7.66 17.38
N ILE B 4 6.33 -7.95 16.40
CA ILE B 4 6.83 -8.30 15.07
C ILE B 4 7.27 -7.05 14.34
N LEU B 5 6.51 -5.97 14.48
CA LEU B 5 6.83 -4.73 13.78
C LEU B 5 8.18 -4.16 14.23
N HIS B 6 8.50 -4.28 15.52
CA HIS B 6 9.78 -3.77 16.02
C HIS B 6 10.95 -4.54 15.43
N ARG B 7 10.92 -5.87 15.51
CA ARG B 7 11.73 -6.68 14.61
C ARG B 7 11.34 -6.27 13.21
N LEU B 8 11.87 -6.89 12.17
CA LEU B 8 11.48 -6.42 10.83
C LEU B 8 11.97 -4.99 10.60
N LEU B 9 11.54 -4.02 11.42
CA LEU B 9 12.11 -2.67 11.31
C LEU B 9 13.57 -2.61 11.75
N GLN B 10 14.14 -3.73 12.22
CA GLN B 10 15.52 -3.86 12.70
C GLN B 10 15.70 -3.00 13.93
#